data_4MOH
#
_entry.id   4MOH
#
_cell.length_a   102.490
_cell.length_b   102.490
_cell.length_c   118.101
_cell.angle_alpha   90.00
_cell.angle_beta   90.00
_cell.angle_gamma   90.00
#
_symmetry.space_group_name_H-M   'P 42 21 2'
#
loop_
_entity.id
_entity.type
_entity.pdbx_description
1 polymer 'Pyranose 2-oxidase'
2 non-polymer 'DIHYDROFLAVINE-ADENINE DINUCLEOTIDE'
3 non-polymer 2-deoxy-2-fluoro-beta-D-glucopyranose
4 non-polymer '2-(N-MORPHOLINO)-ETHANESULFONIC ACID'
5 water water
#
_entity_poly.entity_id   1
_entity_poly.type   'polypeptide(L)'
_entity_poly.pdbx_seq_one_letter_code
;MATSSSDPFFNFAKSSFRSAAAQKASASSLPPLPGPDKKVPGMDIKYDVVIVGSGPIGCTYARELVGAGYKVAMFDIGEI
DSGLKIGAHKKNTVEYQKNIDKFVNVIQGQLMSVSVPVNTLVVDTLSPTSWQASTFFVRNGSNPEQDPLRNLSGQAVTRV
VGGMSTHWTCATPRFDREQRPLLVKDDADADDAEWDRLYTKAESYFQTGTDQFKESIRHNLVLNKLTEEYKGQRDFQQIP
LAATRRSPTFVEWSSANTVFDLQNRPNTDAPEERFNLFPAVACERVVRNALNSEIESLHIHDLISGDRFEIKADVYVLTA
GAVHNTQLLVNSGFGQLGRPNPANPPELLPSLGSYITEQSLVFCQTVMSTELIDSVKSDMTIRGTPGELTYSVTYTPGAS
TNKHPDWWNEKVKNHMMQHQEDPLPIPFEDPEPQVTTLFQPSHPWHTQIHRDAFSYGAVQQSIDSRLIVDWRFFGRTEPK
EENKLWFSDKITDAYNMPQPTFDFRFPAGRTSKEAEDMMTDMCVMSAKIGGFLPGSLPQFMEPGLCLHLGGTHRMGFDEK
EDNCCVNTDSRVFGFKNLFLGGCGNIPTAYGANPTLTAMSLAIKSCEYIKQNFTPSPFTSEAAAALEHHHHHH
;
_entity_poly.pdbx_strand_id   A
#
loop_
_chem_comp.id
_chem_comp.type
_chem_comp.name
_chem_comp.formula
FDA non-polymer 'DIHYDROFLAVINE-ADENINE DINUCLEOTIDE' 'C27 H35 N9 O15 P2'
MES non-polymer '2-(N-MORPHOLINO)-ETHANESULFONIC ACID' 'C6 H13 N O4 S'
SHG D-saccharide, beta linking 2-deoxy-2-fluoro-beta-D-glucopyranose 'C6 H11 F O5'
#
# COMPACT_ATOMS: atom_id res chain seq x y z
N MET A 43 12.65 28.94 3.52
CA MET A 43 13.05 28.51 2.15
C MET A 43 14.44 29.08 1.82
N ASP A 44 15.52 28.40 2.24
CA ASP A 44 16.89 28.76 1.77
C ASP A 44 16.97 28.34 0.30
N ILE A 45 18.01 28.81 -0.38
CA ILE A 45 18.16 28.42 -1.79
C ILE A 45 18.90 27.07 -1.94
N LYS A 46 19.71 26.70 -0.91
CA LYS A 46 20.62 25.52 -0.94
C LYS A 46 20.52 24.52 0.24
N TYR A 47 20.39 23.23 -0.06
CA TYR A 47 20.31 22.19 0.97
C TYR A 47 21.34 21.09 0.69
N ASP A 48 21.70 20.25 1.65
CA ASP A 48 22.49 19.04 1.27
C ASP A 48 21.64 18.04 0.45
N VAL A 49 20.48 17.70 0.97
CA VAL A 49 19.55 16.82 0.27
C VAL A 49 18.17 17.41 0.17
N VAL A 50 17.55 17.30 -1.02
CA VAL A 50 16.15 17.55 -1.19
C VAL A 50 15.38 16.24 -1.53
N ILE A 51 14.27 16.04 -0.85
CA ILE A 51 13.39 14.93 -1.09
C ILE A 51 12.04 15.44 -1.62
N VAL A 52 11.59 14.85 -2.72
CA VAL A 52 10.26 15.12 -3.24
C VAL A 52 9.28 14.04 -2.75
N GLY A 53 8.30 14.45 -1.92
CA GLY A 53 7.26 13.51 -1.36
C GLY A 53 7.50 13.20 0.12
N SER A 54 6.45 13.18 0.92
CA SER A 54 6.59 12.93 2.36
C SER A 54 5.86 11.66 2.71
N GLY A 55 5.77 10.73 1.77
CA GLY A 55 5.20 9.43 2.08
C GLY A 55 6.18 8.62 2.90
N PRO A 56 5.84 7.38 3.19
CA PRO A 56 6.77 6.58 3.97
C PRO A 56 8.16 6.35 3.36
N ILE A 57 8.29 6.36 2.03
CA ILE A 57 9.60 6.17 1.43
C ILE A 57 10.44 7.49 1.50
N GLY A 58 9.84 8.66 1.16
CA GLY A 58 10.48 9.93 1.45
C GLY A 58 10.94 10.04 2.92
N CYS A 59 10.09 9.59 3.84
CA CYS A 59 10.43 9.72 5.24
C CYS A 59 11.53 8.72 5.60
N THR A 60 11.64 7.62 4.87
CA THR A 60 12.81 6.70 5.05
C THR A 60 14.11 7.40 4.75
N TYR A 61 14.19 8.02 3.58
CA TYR A 61 15.33 8.90 3.27
C TYR A 61 15.54 9.96 4.34
N ALA A 62 14.45 10.59 4.84
CA ALA A 62 14.65 11.68 5.82
C ALA A 62 15.23 11.18 7.13
N ARG A 63 14.73 10.04 7.57
CA ARG A 63 15.22 9.44 8.81
C ARG A 63 16.67 9.10 8.70
N GLU A 64 17.02 8.35 7.67
CA GLU A 64 18.39 7.95 7.43
C GLU A 64 19.33 9.16 7.32
N LEU A 65 18.95 10.17 6.53
CA LEU A 65 19.85 11.24 6.14
C LEU A 65 19.84 12.39 7.14
N VAL A 66 18.67 12.73 7.71
CA VAL A 66 18.61 13.71 8.78
C VAL A 66 19.45 13.23 9.97
N GLY A 67 19.25 11.98 10.36
CA GLY A 67 20.01 11.37 11.44
C GLY A 67 21.52 11.33 11.20
N ALA A 68 21.95 11.26 9.95
CA ALA A 68 23.36 11.21 9.64
C ALA A 68 23.99 12.63 9.59
N GLY A 69 23.17 13.65 9.78
CA GLY A 69 23.60 15.06 9.80
C GLY A 69 23.60 15.80 8.49
N TYR A 70 22.87 15.29 7.52
CA TYR A 70 22.64 16.10 6.35
C TYR A 70 21.57 17.19 6.62
N LYS A 71 21.71 18.28 5.88
CA LYS A 71 20.77 19.41 5.91
C LYS A 71 19.71 19.12 4.90
N VAL A 72 18.53 18.76 5.38
CA VAL A 72 17.51 18.14 4.49
C VAL A 72 16.32 19.07 4.32
N ALA A 73 15.82 19.14 3.06
CA ALA A 73 14.56 19.79 2.74
C ALA A 73 13.65 18.74 2.12
N MET A 74 12.37 18.80 2.47
CA MET A 74 11.35 17.91 1.94
C MET A 74 10.17 18.76 1.47
N PHE A 75 9.78 18.52 0.22
CA PHE A 75 8.63 19.12 -0.43
C PHE A 75 7.51 18.11 -0.63
N ASP A 76 6.31 18.51 -0.30
CA ASP A 76 5.12 17.72 -0.67
C ASP A 76 4.06 18.67 -1.25
N ILE A 77 3.38 18.19 -2.28
CA ILE A 77 2.40 18.94 -3.04
C ILE A 77 1.13 19.05 -2.22
N GLY A 78 1.00 18.09 -1.30
CA GLY A 78 -0.10 18.06 -0.39
C GLY A 78 0.18 18.86 0.85
N GLU A 79 -0.80 18.80 1.75
CA GLU A 79 -0.81 19.60 2.92
C GLU A 79 -0.80 18.83 4.24
N ILE A 80 -0.43 19.50 5.33
CA ILE A 80 -0.53 18.82 6.65
C ILE A 80 -2.03 18.72 7.06
N ASP A 81 -2.42 17.49 7.39
CA ASP A 81 -3.79 16.94 7.31
C ASP A 81 -4.20 15.83 8.31
N SER A 82 -3.35 15.49 9.30
CA SER A 82 -3.53 14.31 10.15
C SER A 82 -3.38 14.67 11.63
N GLY A 83 -3.70 15.92 12.00
CA GLY A 83 -3.37 16.39 13.35
C GLY A 83 -1.92 16.85 13.61
N LEU A 84 -1.62 17.02 14.89
CA LEU A 84 -0.33 17.61 15.33
C LEU A 84 0.85 16.64 15.13
N LYS A 85 0.57 15.35 15.02
CA LYS A 85 1.57 14.41 14.63
C LYS A 85 1.59 14.34 13.13
N ILE A 86 2.61 14.96 12.56
CA ILE A 86 2.62 15.28 11.12
C ILE A 86 2.85 14.02 10.35
N GLY A 87 1.92 13.75 9.44
CA GLY A 87 1.98 12.56 8.61
C GLY A 87 1.57 11.24 9.30
N ALA A 88 0.85 11.36 10.42
CA ALA A 88 0.37 10.20 11.18
C ALA A 88 -0.81 9.49 10.49
N HIS A 89 -1.08 8.24 10.89
CA HIS A 89 -2.25 7.48 10.40
C HIS A 89 -3.56 8.09 10.88
N LYS A 90 -4.40 8.50 9.93
CA LYS A 90 -5.69 9.10 10.25
C LYS A 90 -6.63 8.25 11.06
N LYS A 91 -6.35 6.97 11.12
CA LYS A 91 -7.20 6.00 11.80
C LYS A 91 -6.87 5.92 13.28
N ASN A 92 -5.81 6.57 13.72
CA ASN A 92 -5.45 6.56 15.17
C ASN A 92 -6.20 7.61 15.98
N THR A 93 -7.40 7.97 15.64
CA THR A 93 -8.22 8.77 16.55
C THR A 93 -9.15 7.82 17.29
N VAL A 94 -9.50 8.22 18.49
CA VAL A 94 -10.36 7.44 19.32
C VAL A 94 -11.67 7.20 18.57
N GLU A 95 -12.16 8.24 17.89
CA GLU A 95 -13.44 8.15 17.22
C GLU A 95 -13.40 7.13 16.06
N TYR A 96 -12.29 7.10 15.28
CA TYR A 96 -12.18 6.07 14.25
C TYR A 96 -12.00 4.68 14.81
N GLN A 97 -11.33 4.52 15.97
CA GLN A 97 -11.18 3.18 16.57
C GLN A 97 -12.51 2.73 17.16
N LYS A 98 -13.43 3.65 17.43
CA LYS A 98 -14.75 3.24 17.84
C LYS A 98 -15.73 3.10 16.69
N ASN A 99 -15.40 3.55 15.49
CA ASN A 99 -16.36 3.54 14.36
C ASN A 99 -15.56 3.21 13.14
N ILE A 100 -14.97 2.03 13.13
CA ILE A 100 -13.94 1.78 12.19
C ILE A 100 -14.41 1.77 10.72
N ASP A 101 -15.65 1.39 10.43
CA ASP A 101 -16.08 1.34 9.04
C ASP A 101 -16.24 2.70 8.43
N LYS A 102 -16.43 3.72 9.25
CA LYS A 102 -16.41 5.11 8.78
C LYS A 102 -15.11 5.49 8.09
N PHE A 103 -14.04 4.79 8.44
CA PHE A 103 -12.74 5.13 7.87
C PHE A 103 -12.68 4.86 6.37
N VAL A 104 -13.55 3.98 5.84
CA VAL A 104 -13.58 3.78 4.40
C VAL A 104 -13.73 5.12 3.67
N ASN A 105 -14.55 6.00 4.23
CA ASN A 105 -14.73 7.34 3.65
C ASN A 105 -13.49 8.13 3.61
N VAL A 106 -12.65 7.96 4.61
CA VAL A 106 -11.46 8.74 4.69
C VAL A 106 -10.52 8.29 3.58
N ILE A 107 -10.43 6.98 3.33
CA ILE A 107 -9.61 6.45 2.26
C ILE A 107 -10.17 7.00 0.89
N GLN A 108 -11.48 6.81 0.64
CA GLN A 108 -12.12 7.25 -0.63
C GLN A 108 -11.94 8.77 -0.88
N GLY A 109 -11.95 9.55 0.18
CA GLY A 109 -11.86 10.98 0.12
C GLY A 109 -10.47 11.46 -0.23
N GLN A 110 -9.43 10.63 -0.15
CA GLN A 110 -8.13 11.06 -0.60
C GLN A 110 -7.53 10.19 -1.70
N LEU A 111 -8.36 9.45 -2.43
CA LEU A 111 -7.88 8.73 -3.62
C LEU A 111 -8.43 9.38 -4.86
N MET A 112 -7.60 10.14 -5.54
CA MET A 112 -8.00 10.82 -6.78
C MET A 112 -7.55 9.98 -8.01
N SER A 113 -8.50 9.66 -8.90
CA SER A 113 -8.24 8.72 -9.99
C SER A 113 -7.16 9.23 -10.92
N VAL A 114 -6.24 8.37 -11.31
CA VAL A 114 -5.16 8.84 -12.17
C VAL A 114 -5.62 9.19 -13.60
N SER A 115 -6.39 8.29 -14.22
CA SER A 115 -6.78 8.48 -15.61
C SER A 115 -8.23 7.97 -15.84
N VAL A 116 -9.15 8.88 -16.17
CA VAL A 116 -10.55 8.50 -16.30
C VAL A 116 -10.90 8.65 -17.76
N PRO A 117 -11.37 7.60 -18.39
CA PRO A 117 -11.72 7.64 -19.82
C PRO A 117 -12.96 8.46 -20.09
N VAL A 118 -13.14 8.88 -21.33
CA VAL A 118 -14.36 9.61 -21.69
C VAL A 118 -15.61 8.70 -21.45
N ASN A 119 -16.61 9.30 -20.80
CA ASN A 119 -17.80 8.62 -20.44
C ASN A 119 -18.77 8.56 -21.62
N THR A 120 -19.20 7.34 -21.94
CA THR A 120 -20.07 7.19 -23.10
C THR A 120 -21.44 6.60 -22.70
N LEU A 121 -21.81 6.82 -21.46
CA LEU A 121 -23.05 6.25 -20.97
C LEU A 121 -24.31 7.06 -21.40
N VAL A 122 -25.34 6.37 -21.92
CA VAL A 122 -26.52 7.06 -22.44
C VAL A 122 -27.49 7.38 -21.34
N VAL A 123 -27.82 8.66 -21.15
CA VAL A 123 -28.93 9.04 -20.28
C VAL A 123 -30.03 9.54 -21.22
N ASP A 124 -31.11 8.76 -21.38
CA ASP A 124 -32.15 9.24 -22.24
C ASP A 124 -33.49 9.43 -21.49
N THR A 125 -33.45 9.68 -20.19
CA THR A 125 -34.65 9.98 -19.45
C THR A 125 -34.59 11.43 -18.98
N LEU A 126 -33.79 12.26 -19.66
CA LEU A 126 -33.77 13.69 -19.41
C LEU A 126 -35.05 14.34 -19.86
N SER A 127 -35.44 15.46 -19.27
CA SER A 127 -36.57 16.21 -19.80
C SER A 127 -36.19 16.76 -21.17
N PRO A 128 -37.13 16.81 -22.12
CA PRO A 128 -36.88 17.42 -23.42
C PRO A 128 -36.35 18.85 -23.35
N THR A 129 -36.57 19.61 -22.27
CA THR A 129 -36.01 20.95 -22.14
C THR A 129 -34.52 20.96 -21.79
N SER A 130 -34.00 19.88 -21.24
CA SER A 130 -32.65 19.92 -20.75
C SER A 130 -31.66 19.97 -21.90
N TRP A 131 -30.62 20.78 -21.76
CA TRP A 131 -29.61 20.86 -22.84
C TRP A 131 -28.82 19.58 -22.90
N GLN A 132 -28.55 19.07 -24.10
CA GLN A 132 -27.79 17.85 -24.30
C GLN A 132 -26.89 17.96 -25.54
N ALA A 133 -25.63 17.47 -25.44
CA ALA A 133 -24.71 17.47 -26.60
C ALA A 133 -25.11 16.33 -27.52
N SER A 134 -24.66 16.44 -28.74
CA SER A 134 -24.89 15.41 -29.73
C SER A 134 -23.85 14.34 -29.73
N THR A 135 -22.83 14.49 -28.92
CA THR A 135 -21.77 13.48 -28.88
C THR A 135 -21.33 13.36 -27.44
N PHE A 136 -20.54 12.33 -27.17
CA PHE A 136 -19.98 12.11 -25.86
C PHE A 136 -18.62 12.79 -25.81
N PHE A 137 -18.66 14.08 -25.59
CA PHE A 137 -17.50 14.87 -25.71
C PHE A 137 -16.65 14.75 -24.42
N VAL A 138 -15.43 15.23 -24.49
CA VAL A 138 -14.44 15.16 -23.37
C VAL A 138 -14.86 16.04 -22.27
N ARG A 139 -15.07 15.45 -21.11
CA ARG A 139 -15.95 16.02 -20.11
C ARG A 139 -15.55 15.58 -18.71
N ASN A 140 -15.84 16.44 -17.72
CA ASN A 140 -15.83 16.09 -16.30
C ASN A 140 -14.45 15.56 -15.87
N GLY A 141 -13.40 16.14 -16.43
CA GLY A 141 -12.03 15.75 -16.16
C GLY A 141 -11.59 14.42 -16.68
N SER A 142 -12.33 13.87 -17.65
CA SER A 142 -11.90 12.63 -18.22
C SER A 142 -10.66 12.91 -19.13
N ASN A 143 -9.80 11.90 -19.30
CA ASN A 143 -8.59 11.97 -20.10
C ASN A 143 -8.81 11.45 -21.54
N PRO A 144 -8.82 12.38 -22.54
CA PRO A 144 -9.19 11.88 -23.84
C PRO A 144 -8.14 10.96 -24.45
N GLU A 145 -6.94 10.92 -23.87
CA GLU A 145 -5.91 10.04 -24.40
C GLU A 145 -6.12 8.55 -23.99
N GLN A 146 -6.97 8.29 -22.96
CA GLN A 146 -7.06 6.99 -22.31
C GLN A 146 -8.04 6.08 -23.02
N ASP A 147 -7.53 5.00 -23.54
CA ASP A 147 -8.35 3.87 -24.03
C ASP A 147 -8.97 3.21 -22.80
N PRO A 148 -10.29 3.23 -22.70
CA PRO A 148 -10.94 2.65 -21.54
C PRO A 148 -10.71 1.16 -21.35
N LEU A 149 -10.31 0.43 -22.39
CA LEU A 149 -10.13 -1.01 -22.31
C LEU A 149 -8.64 -1.35 -22.14
N ARG A 150 -7.78 -0.34 -22.01
CA ARG A 150 -6.38 -0.60 -21.65
C ARG A 150 -5.95 0.28 -20.44
N ASN A 151 -6.81 0.37 -19.44
CA ASN A 151 -6.59 1.36 -18.37
C ASN A 151 -6.20 0.66 -17.11
N LEU A 152 -5.66 1.38 -16.15
CA LEU A 152 -5.73 0.92 -14.74
C LEU A 152 -6.80 1.83 -14.07
N SER A 153 -8.08 1.56 -14.33
CA SER A 153 -9.12 2.42 -13.88
C SER A 153 -9.12 2.64 -12.37
N GLY A 154 -8.74 1.65 -11.61
CA GLY A 154 -8.70 1.75 -10.17
C GLY A 154 -7.49 2.53 -9.61
N GLN A 155 -6.51 2.89 -10.46
CA GLN A 155 -5.34 3.63 -10.00
C GLN A 155 -5.73 5.02 -9.54
N ALA A 156 -5.20 5.43 -8.39
CA ALA A 156 -5.48 6.71 -7.78
C ALA A 156 -4.24 7.16 -7.00
N VAL A 157 -4.12 8.47 -6.76
CA VAL A 157 -3.02 8.98 -6.00
C VAL A 157 -3.55 9.79 -4.77
N THR A 158 -2.70 9.98 -3.76
CA THR A 158 -3.03 10.72 -2.58
C THR A 158 -2.05 11.85 -2.40
N ARG A 159 -2.56 13.07 -2.30
CA ARG A 159 -1.69 14.17 -2.08
C ARG A 159 -1.95 14.80 -0.70
N VAL A 160 -1.15 14.38 0.29
CA VAL A 160 -1.26 14.83 1.68
C VAL A 160 0.08 14.60 2.30
N VAL A 161 0.40 15.36 3.32
CA VAL A 161 1.64 15.02 4.02
C VAL A 161 1.49 13.65 4.69
N GLY A 162 2.44 12.74 4.46
CA GLY A 162 2.31 11.37 4.90
C GLY A 162 1.93 10.42 3.73
N GLY A 163 1.50 11.00 2.62
CA GLY A 163 1.06 10.27 1.50
C GLY A 163 0.03 9.24 1.85
N MET A 164 0.19 8.06 1.26
CA MET A 164 -0.87 7.02 1.37
C MET A 164 -0.73 6.35 2.70
N SER A 165 0.40 6.58 3.40
CA SER A 165 0.59 5.98 4.74
C SER A 165 -0.30 6.63 5.81
N THR A 166 -1.02 7.67 5.44
CA THR A 166 -2.01 8.25 6.33
C THR A 166 -3.31 7.41 6.30
N HIS A 167 -3.48 6.49 5.34
CA HIS A 167 -4.70 5.69 5.32
C HIS A 167 -4.50 4.19 5.08
N TRP A 168 -3.24 3.79 4.81
CA TRP A 168 -2.97 2.45 4.39
C TRP A 168 -3.32 1.39 5.42
N THR A 169 -3.40 0.15 4.96
CA THR A 169 -3.79 -1.00 5.80
C THR A 169 -2.67 -1.54 6.69
N CYS A 170 -1.42 -1.18 6.40
CA CYS A 170 -0.28 -1.46 7.32
C CYS A 170 0.26 -2.88 7.21
N ALA A 171 -0.14 -3.63 6.16
CA ALA A 171 0.37 -4.98 6.00
C ALA A 171 1.76 -4.91 5.42
N THR A 172 2.75 -5.46 6.12
CA THR A 172 4.16 -5.33 5.71
C THR A 172 4.89 -6.65 5.66
N PRO A 173 4.47 -7.57 4.72
CA PRO A 173 5.16 -8.82 4.50
C PRO A 173 6.50 -8.61 3.68
N ARG A 174 7.47 -9.44 4.00
CA ARG A 174 8.64 -9.64 3.14
C ARG A 174 8.32 -10.31 1.84
N PHE A 175 9.16 -10.06 0.85
CA PHE A 175 9.08 -10.84 -0.36
C PHE A 175 10.01 -12.03 -0.19
N ASP A 176 9.61 -13.22 -0.67
CA ASP A 176 10.55 -14.35 -0.80
C ASP A 176 11.36 -14.14 -2.12
N ARG A 177 12.32 -15.01 -2.38
CA ARG A 177 13.15 -14.89 -3.55
C ARG A 177 12.39 -14.77 -4.82
N GLU A 178 11.40 -15.61 -5.05
CA GLU A 178 10.77 -15.56 -6.39
C GLU A 178 10.08 -14.20 -6.74
N GLN A 179 9.81 -13.36 -5.75
CA GLN A 179 9.13 -12.07 -5.95
C GLN A 179 10.05 -10.86 -5.92
N ARG A 180 11.29 -11.10 -5.55
CA ARG A 180 12.18 -10.05 -5.09
C ARG A 180 13.31 -9.77 -6.06
N PRO A 181 13.63 -8.50 -6.26
CA PRO A 181 14.82 -8.20 -7.06
C PRO A 181 16.13 -8.62 -6.38
N LEU A 182 17.18 -8.82 -7.17
CA LEU A 182 18.43 -9.28 -6.65
C LEU A 182 19.21 -8.02 -6.22
N LEU A 183 19.84 -8.09 -5.06
CA LEU A 183 20.76 -7.04 -4.66
C LEU A 183 22.20 -7.53 -4.82
N VAL A 184 22.37 -8.85 -4.84
CA VAL A 184 23.69 -9.43 -5.00
C VAL A 184 23.55 -10.45 -6.09
N LYS A 185 24.36 -10.29 -7.13
CA LYS A 185 24.44 -11.21 -8.26
C LYS A 185 25.25 -12.47 -7.90
N ASP A 186 24.72 -13.60 -8.36
CA ASP A 186 25.32 -14.93 -8.27
C ASP A 186 25.72 -15.45 -6.90
N ASP A 187 24.91 -15.16 -5.89
CA ASP A 187 25.16 -15.66 -4.55
C ASP A 187 23.87 -15.49 -3.82
N ALA A 188 22.99 -16.45 -3.98
CA ALA A 188 21.64 -16.34 -3.44
C ALA A 188 21.66 -16.16 -1.89
N ASP A 189 22.57 -16.86 -1.18
CA ASP A 189 22.71 -16.72 0.27
C ASP A 189 23.18 -15.31 0.66
N ALA A 190 24.10 -14.75 -0.09
CA ALA A 190 24.52 -13.37 0.11
C ALA A 190 23.34 -12.43 -0.14
N ASP A 191 22.60 -12.70 -1.19
CA ASP A 191 21.45 -11.89 -1.47
C ASP A 191 20.41 -11.95 -0.34
N ASP A 192 20.13 -13.17 0.14
CA ASP A 192 19.22 -13.33 1.28
C ASP A 192 19.68 -12.56 2.48
N ALA A 193 20.97 -12.60 2.76
CA ALA A 193 21.52 -11.98 3.97
C ALA A 193 21.30 -10.48 3.90
N GLU A 194 21.49 -9.94 2.70
CA GLU A 194 21.38 -8.51 2.49
C GLU A 194 19.94 -8.08 2.64
N TRP A 195 19.05 -8.83 2.03
CA TRP A 195 17.63 -8.52 2.23
C TRP A 195 17.19 -8.67 3.67
N ASP A 196 17.70 -9.68 4.37
CA ASP A 196 17.31 -9.88 5.77
C ASP A 196 17.72 -8.67 6.64
N ARG A 197 18.93 -8.17 6.44
CA ARG A 197 19.36 -6.98 7.16
C ARG A 197 18.47 -5.78 6.84
N LEU A 198 18.23 -5.54 5.53
CA LEU A 198 17.43 -4.40 5.08
C LEU A 198 16.00 -4.47 5.63
N TYR A 199 15.37 -5.63 5.48
CA TYR A 199 14.04 -5.83 5.96
C TYR A 199 13.96 -5.71 7.50
N THR A 200 14.97 -6.22 8.22
CA THR A 200 14.91 -6.13 9.65
C THR A 200 14.84 -4.65 10.09
N LYS A 201 15.67 -3.83 9.47
CA LYS A 201 15.75 -2.41 9.81
C LYS A 201 14.42 -1.71 9.39
N ALA A 202 13.91 -2.05 8.21
CA ALA A 202 12.60 -1.57 7.68
C ALA A 202 11.43 -1.91 8.64
N GLU A 203 11.45 -3.15 9.13
CA GLU A 203 10.49 -3.59 10.16
C GLU A 203 10.65 -2.79 11.42
N SER A 204 11.88 -2.39 11.76
CA SER A 204 12.10 -1.57 12.93
C SER A 204 11.48 -0.18 12.74
N TYR A 205 11.70 0.41 11.59
CA TYR A 205 11.17 1.73 11.28
C TYR A 205 9.64 1.76 11.34
N PHE A 206 9.01 0.72 10.78
CA PHE A 206 7.57 0.71 10.66
C PHE A 206 6.89 0.14 11.89
N GLN A 207 7.70 -0.43 12.78
CA GLN A 207 7.20 -1.15 13.98
C GLN A 207 6.27 -2.33 13.58
N THR A 208 6.74 -3.11 12.61
CA THR A 208 6.05 -4.28 12.14
C THR A 208 6.13 -5.36 13.24
N GLY A 209 5.03 -6.05 13.50
CA GLY A 209 4.95 -7.18 14.45
C GLY A 209 3.91 -8.17 13.95
N THR A 210 3.93 -9.38 14.50
CA THR A 210 2.94 -10.42 14.17
C THR A 210 2.26 -10.93 15.43
N ASP A 211 2.22 -10.10 16.46
CA ASP A 211 1.66 -10.46 17.78
C ASP A 211 0.46 -9.63 18.29
N GLN A 212 0.06 -8.60 17.56
CA GLN A 212 -0.97 -7.65 18.04
C GLN A 212 -2.39 -8.24 18.16
N PHE A 213 -2.64 -9.40 17.57
CA PHE A 213 -3.99 -10.00 17.49
C PHE A 213 -4.00 -11.38 18.15
N LYS A 214 -2.96 -11.66 18.92
CA LYS A 214 -2.78 -13.03 19.44
C LYS A 214 -3.91 -13.48 20.38
N GLU A 215 -4.61 -12.56 21.05
CA GLU A 215 -5.69 -12.97 21.93
C GLU A 215 -7.11 -12.74 21.42
N SER A 216 -7.28 -12.67 20.11
CA SER A 216 -8.57 -12.49 19.47
C SER A 216 -9.15 -13.84 19.23
N ILE A 217 -10.41 -14.02 19.62
CA ILE A 217 -11.15 -15.26 19.38
C ILE A 217 -11.37 -15.49 17.91
N ARG A 218 -11.83 -14.47 17.22
CA ARG A 218 -12.02 -14.55 15.78
C ARG A 218 -10.76 -14.82 14.96
N HIS A 219 -9.67 -14.11 15.29
CA HIS A 219 -8.34 -14.38 14.70
C HIS A 219 -7.99 -15.81 14.88
N ASN A 220 -8.02 -16.26 16.14
CA ASN A 220 -7.57 -17.64 16.42
C ASN A 220 -8.48 -18.66 15.77
N LEU A 221 -9.76 -18.34 15.70
CA LEU A 221 -10.73 -19.27 15.08
C LEU A 221 -10.41 -19.54 13.61
N VAL A 222 -10.21 -18.46 12.88
CA VAL A 222 -9.97 -18.55 11.45
C VAL A 222 -8.59 -19.15 11.30
N LEU A 223 -7.61 -18.61 12.01
CA LEU A 223 -6.24 -19.12 11.85
C LEU A 223 -6.24 -20.63 12.12
N ASN A 224 -6.82 -21.06 13.23
CA ASN A 224 -6.75 -22.51 13.55
C ASN A 224 -7.35 -23.37 12.51
N LYS A 225 -8.53 -22.98 12.01
CA LYS A 225 -9.21 -23.81 11.07
C LYS A 225 -8.35 -24.01 9.78
N LEU A 226 -7.82 -22.93 9.26
CA LEU A 226 -7.01 -22.96 8.07
C LEU A 226 -5.72 -23.72 8.36
N THR A 227 -5.09 -23.47 9.49
CA THR A 227 -3.91 -24.21 9.76
C THR A 227 -4.14 -25.73 9.73
N GLU A 228 -5.26 -26.15 10.29
CA GLU A 228 -5.59 -27.58 10.28
C GLU A 228 -5.94 -28.07 8.89
N GLU A 229 -6.65 -27.25 8.14
CA GLU A 229 -7.17 -27.75 6.86
C GLU A 229 -6.04 -27.90 5.83
N TYR A 230 -5.01 -27.10 5.94
CA TYR A 230 -3.84 -27.10 5.01
C TYR A 230 -2.59 -27.62 5.76
N LYS A 231 -2.80 -28.50 6.72
CA LYS A 231 -1.68 -29.08 7.46
C LYS A 231 -0.84 -29.85 6.48
N GLY A 232 0.43 -29.55 6.53
CA GLY A 232 1.40 -30.24 5.68
C GLY A 232 1.44 -29.75 4.25
N GLN A 233 0.74 -28.64 3.97
CA GLN A 233 0.65 -28.09 2.63
C GLN A 233 0.88 -26.59 2.61
N ARG A 234 0.27 -25.86 3.53
CA ARG A 234 0.52 -24.39 3.65
C ARG A 234 0.58 -23.99 5.10
N ASP A 235 1.35 -22.92 5.34
CA ASP A 235 1.48 -22.34 6.65
C ASP A 235 0.81 -20.99 6.66
N PHE A 236 0.17 -20.76 7.80
CA PHE A 236 -0.56 -19.61 8.10
C PHE A 236 0.06 -18.89 9.30
N GLN A 237 -0.03 -17.57 9.30
CA GLN A 237 0.41 -16.78 10.42
C GLN A 237 -0.39 -15.48 10.48
N GLN A 238 -0.10 -14.64 11.47
CA GLN A 238 -0.70 -13.34 11.45
C GLN A 238 -0.06 -12.51 10.32
N ILE A 239 -0.87 -11.69 9.67
CA ILE A 239 -0.40 -10.71 8.75
C ILE A 239 0.61 -9.84 9.51
N PRO A 240 1.83 -9.70 8.97
CA PRO A 240 2.75 -8.73 9.68
C PRO A 240 2.22 -7.35 9.49
N LEU A 241 1.91 -6.69 10.60
CA LEU A 241 1.28 -5.37 10.55
C LEU A 241 2.17 -4.32 11.17
N ALA A 242 2.26 -3.16 10.52
CA ALA A 242 2.98 -2.02 11.05
C ALA A 242 2.03 -1.31 12.00
N ALA A 243 2.08 -1.68 13.28
CA ALA A 243 1.10 -1.25 14.28
C ALA A 243 1.61 -1.62 15.68
N THR A 244 1.24 -0.81 16.68
CA THR A 244 1.44 -1.13 18.09
C THR A 244 0.11 -1.10 18.81
N ARG A 245 -0.26 -2.21 19.45
CA ARG A 245 -1.46 -2.25 20.28
C ARG A 245 -1.18 -1.39 21.47
N ARG A 246 -2.10 -0.47 21.78
CA ARG A 246 -2.04 0.30 23.05
C ARG A 246 -2.95 -0.17 24.16
N SER A 247 -4.03 -0.87 23.80
CA SER A 247 -5.03 -1.33 24.76
C SER A 247 -5.79 -2.42 24.01
N PRO A 248 -6.70 -3.17 24.67
CA PRO A 248 -7.50 -4.19 23.95
C PRO A 248 -8.48 -3.69 22.89
N THR A 249 -8.68 -2.38 22.83
CA THR A 249 -9.53 -1.80 21.79
C THR A 249 -8.80 -0.68 21.01
N PHE A 250 -7.47 -0.58 21.11
CA PHE A 250 -6.79 0.48 20.42
C PHE A 250 -5.45 0.03 19.84
N VAL A 251 -5.35 0.11 18.52
CA VAL A 251 -4.12 -0.22 17.79
C VAL A 251 -3.63 1.07 17.14
N GLU A 252 -2.43 1.49 17.51
CA GLU A 252 -1.82 2.65 16.89
C GLU A 252 -1.12 2.20 15.61
N TRP A 253 -1.76 2.53 14.49
CA TRP A 253 -1.29 2.09 13.17
C TRP A 253 -0.10 2.95 12.78
N SER A 254 0.89 2.32 12.15
CA SER A 254 2.12 3.04 11.83
C SER A 254 1.85 3.82 10.54
N SER A 255 2.76 4.79 10.31
CA SER A 255 2.68 5.69 9.17
C SER A 255 4.06 6.26 8.83
N ALA A 256 4.11 7.18 7.89
CA ALA A 256 5.28 8.03 7.69
C ALA A 256 5.80 8.60 9.01
N ASN A 257 4.89 9.21 9.81
CA ASN A 257 5.25 9.81 11.11
C ASN A 257 6.05 8.84 12.00
N THR A 258 5.73 7.54 11.91
CA THR A 258 6.42 6.51 12.63
C THR A 258 7.83 6.40 12.15
N VAL A 259 8.03 6.48 10.84
CA VAL A 259 9.40 6.41 10.32
C VAL A 259 10.22 7.68 10.65
N PHE A 260 9.54 8.80 10.51
CA PHE A 260 10.16 10.13 10.74
C PHE A 260 9.10 11.13 11.12
N ASP A 261 9.24 11.80 12.26
CA ASP A 261 8.13 12.58 12.88
C ASP A 261 7.85 13.86 12.08
N LEU A 262 8.70 14.14 11.11
CA LEU A 262 8.44 15.22 10.16
C LEU A 262 8.51 16.62 10.81
N GLN A 263 8.98 16.72 12.05
CA GLN A 263 9.10 18.04 12.73
C GLN A 263 10.33 18.74 12.19
N ASN A 264 10.25 20.07 12.01
CA ASN A 264 11.39 20.85 11.57
C ASN A 264 12.53 20.77 12.61
N ARG A 265 13.75 20.80 12.12
CA ARG A 265 14.94 20.68 12.97
C ARG A 265 15.94 21.67 12.52
N PRO A 266 16.81 22.14 13.44
CA PRO A 266 16.99 21.77 14.87
C PRO A 266 15.77 22.13 15.71
N ASN A 267 15.38 21.25 16.63
CA ASN A 267 14.37 21.56 17.63
C ASN A 267 14.95 21.06 18.95
N THR A 268 14.19 21.12 20.03
CA THR A 268 14.72 20.72 21.33
C THR A 268 15.24 19.31 21.33
N ASP A 269 14.53 18.43 20.66
CA ASP A 269 14.80 17.00 20.71
C ASP A 269 15.98 16.66 19.83
N ALA A 270 16.16 17.39 18.73
CA ALA A 270 17.25 17.15 17.81
C ALA A 270 17.91 18.48 17.52
N PRO A 271 18.58 19.08 18.53
CA PRO A 271 19.26 20.37 18.33
C PRO A 271 20.37 20.37 17.27
N GLU A 272 20.87 19.20 16.90
CA GLU A 272 21.93 19.11 15.88
C GLU A 272 21.46 18.62 14.50
N GLU A 273 20.17 18.39 14.35
CA GLU A 273 19.66 17.94 13.05
C GLU A 273 19.09 19.11 12.29
N ARG A 274 19.13 19.02 10.97
CA ARG A 274 18.59 20.04 10.10
C ARG A 274 17.60 19.40 9.13
N PHE A 275 16.33 19.77 9.31
CA PHE A 275 15.22 19.32 8.49
C PHE A 275 14.17 20.42 8.37
N ASN A 276 13.71 20.67 7.12
CA ASN A 276 12.54 21.50 6.83
C ASN A 276 11.54 20.77 5.92
N LEU A 277 10.27 20.88 6.27
CA LEU A 277 9.19 20.29 5.47
C LEU A 277 8.46 21.45 4.88
N PHE A 278 8.29 21.44 3.57
CA PHE A 278 7.56 22.47 2.86
C PHE A 278 6.36 21.85 2.19
N PRO A 279 5.21 21.91 2.86
CA PRO A 279 3.96 21.42 2.26
C PRO A 279 3.35 22.41 1.25
N ALA A 280 2.36 21.95 0.52
CA ALA A 280 1.76 22.76 -0.52
C ALA A 280 2.81 23.26 -1.53
N VAL A 281 3.81 22.44 -1.83
CA VAL A 281 4.76 22.76 -2.90
C VAL A 281 4.82 21.68 -3.99
N ALA A 282 4.31 22.02 -5.19
CA ALA A 282 4.36 21.17 -6.40
C ALA A 282 5.79 21.18 -6.93
N CYS A 283 6.48 20.06 -6.84
CA CYS A 283 7.78 19.91 -7.44
C CYS A 283 7.55 19.57 -8.88
N GLU A 284 8.11 20.37 -9.79
CA GLU A 284 7.73 20.27 -11.22
C GLU A 284 8.75 19.60 -12.18
N ARG A 285 10.03 19.78 -11.87
CA ARG A 285 11.09 19.49 -12.79
C ARG A 285 12.45 19.43 -12.10
N VAL A 286 13.28 18.47 -12.51
CA VAL A 286 14.65 18.40 -12.06
C VAL A 286 15.47 18.86 -13.25
N VAL A 287 16.41 19.74 -13.00
CA VAL A 287 17.18 20.30 -14.08
C VAL A 287 18.45 19.47 -14.30
N ARG A 288 18.50 18.84 -15.45
CA ARG A 288 19.62 18.06 -15.88
C ARG A 288 20.79 18.88 -16.45
N ASN A 289 22.00 18.56 -16.04
CA ASN A 289 23.17 19.07 -16.78
C ASN A 289 23.21 18.54 -18.26
N ALA A 290 24.08 19.09 -19.12
CA ALA A 290 24.13 18.70 -20.52
C ALA A 290 24.46 17.18 -20.74
N LEU A 291 25.33 16.61 -19.90
CA LEU A 291 25.81 15.27 -20.13
C LEU A 291 24.90 14.22 -19.52
N ASN A 292 23.87 14.66 -18.77
CA ASN A 292 22.99 13.76 -18.04
C ASN A 292 23.74 13.00 -17.00
N SER A 293 24.58 13.74 -16.27
CA SER A 293 25.41 13.12 -15.27
C SER A 293 25.15 13.73 -13.91
N GLU A 294 24.41 14.84 -13.84
CA GLU A 294 24.11 15.49 -12.57
C GLU A 294 22.83 16.25 -12.71
N ILE A 295 22.11 16.38 -11.60
CA ILE A 295 20.95 17.25 -11.54
C ILE A 295 21.44 18.51 -10.89
N GLU A 296 21.06 19.64 -11.47
CA GLU A 296 21.54 20.94 -11.04
C GLU A 296 20.64 21.74 -10.08
N SER A 297 19.32 21.52 -10.17
CA SER A 297 18.38 22.13 -9.26
C SER A 297 17.01 21.48 -9.44
N LEU A 298 16.10 21.85 -8.54
CA LEU A 298 14.70 21.44 -8.59
C LEU A 298 13.80 22.68 -8.75
N HIS A 299 12.92 22.63 -9.75
CA HIS A 299 11.88 23.62 -9.94
C HIS A 299 10.70 23.32 -9.10
N ILE A 300 10.36 24.27 -8.24
CA ILE A 300 9.20 24.16 -7.33
C ILE A 300 8.22 25.31 -7.55
N HIS A 301 6.95 25.03 -7.20
CA HIS A 301 5.85 25.95 -7.37
C HIS A 301 5.12 25.99 -6.06
N ASP A 302 5.23 27.08 -5.35
CA ASP A 302 4.53 27.24 -4.09
C ASP A 302 3.01 27.45 -4.40
N LEU A 303 2.18 26.52 -3.94
CA LEU A 303 0.76 26.55 -4.35
C LEU A 303 0.02 27.59 -3.53
N ILE A 304 0.57 28.05 -2.41
CA ILE A 304 -0.18 29.06 -1.63
C ILE A 304 0.15 30.48 -2.16
N SER A 305 1.43 30.81 -2.32
CA SER A 305 1.81 32.13 -2.88
C SER A 305 1.70 32.21 -4.41
N GLY A 306 1.79 31.07 -5.10
CA GLY A 306 1.81 31.06 -6.57
C GLY A 306 3.21 31.18 -7.19
N ASP A 307 4.21 31.43 -6.37
CA ASP A 307 5.57 31.70 -6.88
C ASP A 307 6.24 30.41 -7.30
N ARG A 308 7.17 30.50 -8.27
CA ARG A 308 8.01 29.40 -8.70
C ARG A 308 9.46 29.73 -8.30
N PHE A 309 10.17 28.77 -7.73
CA PHE A 309 11.56 28.95 -7.35
C PHE A 309 12.38 27.79 -7.91
N GLU A 310 13.70 27.90 -7.76
CA GLU A 310 14.64 26.80 -7.93
C GLU A 310 15.39 26.54 -6.65
N ILE A 311 15.50 25.28 -6.29
CA ILE A 311 16.14 24.85 -5.09
C ILE A 311 17.35 24.06 -5.50
N LYS A 312 18.49 24.32 -4.85
CA LYS A 312 19.64 23.54 -5.18
C LYS A 312 20.03 22.68 -3.98
N ALA A 313 20.70 21.58 -4.33
CA ALA A 313 21.03 20.52 -3.37
C ALA A 313 22.18 19.69 -3.90
N ASP A 314 22.93 19.03 -3.02
CA ASP A 314 23.94 18.07 -3.50
C ASP A 314 23.23 16.83 -4.05
N VAL A 315 22.17 16.44 -3.38
CA VAL A 315 21.53 15.16 -3.67
C VAL A 315 20.01 15.38 -3.88
N TYR A 316 19.46 14.80 -4.95
CA TYR A 316 18.03 14.89 -5.21
C TYR A 316 17.38 13.52 -5.10
N VAL A 317 16.36 13.41 -4.25
CA VAL A 317 15.64 12.16 -4.05
C VAL A 317 14.17 12.31 -4.45
N LEU A 318 13.74 11.50 -5.38
CA LEU A 318 12.38 11.58 -5.84
C LEU A 318 11.55 10.43 -5.26
N THR A 319 10.67 10.77 -4.32
CA THR A 319 9.77 9.81 -3.67
C THR A 319 8.35 10.28 -3.70
N ALA A 320 7.87 10.48 -4.94
CA ALA A 320 6.55 11.07 -5.24
C ALA A 320 5.46 10.04 -5.57
N GLY A 321 5.78 8.75 -5.46
CA GLY A 321 4.88 7.67 -5.76
C GLY A 321 5.21 7.13 -7.13
N ALA A 322 4.72 5.93 -7.43
CA ALA A 322 5.07 5.30 -8.70
C ALA A 322 4.56 6.06 -9.90
N VAL A 323 3.45 6.77 -9.76
CA VAL A 323 2.95 7.53 -10.89
C VAL A 323 3.73 8.87 -11.05
N HIS A 324 3.81 9.59 -9.96
CA HIS A 324 4.34 10.93 -10.00
C HIS A 324 5.82 11.09 -10.07
N ASN A 325 6.57 10.08 -9.63
CA ASN A 325 8.03 10.08 -9.94
C ASN A 325 8.20 10.06 -11.41
N THR A 326 7.45 9.18 -12.05
CA THR A 326 7.54 9.08 -13.49
C THR A 326 7.15 10.35 -14.21
N GLN A 327 6.09 10.98 -13.74
CA GLN A 327 5.60 12.23 -14.35
C GLN A 327 6.67 13.31 -14.22
N LEU A 328 7.27 13.43 -13.04
CA LEU A 328 8.26 14.43 -12.79
C LEU A 328 9.49 14.20 -13.74
N LEU A 329 9.91 12.95 -13.87
CA LEU A 329 11.04 12.64 -14.73
C LEU A 329 10.71 12.94 -16.20
N VAL A 330 9.53 12.50 -16.66
CA VAL A 330 9.16 12.75 -18.02
C VAL A 330 9.06 14.25 -18.26
N ASN A 331 8.60 15.00 -17.26
CA ASN A 331 8.49 16.45 -17.40
C ASN A 331 9.88 17.14 -17.38
N SER A 332 10.94 16.42 -16.98
CA SER A 332 12.30 16.93 -16.95
C SER A 332 13.12 16.45 -18.13
N GLY A 333 12.50 15.82 -19.11
CA GLY A 333 13.24 15.45 -20.32
C GLY A 333 13.79 14.03 -20.28
N PHE A 334 13.47 13.23 -19.25
CA PHE A 334 13.70 11.79 -19.31
C PHE A 334 12.57 11.11 -20.08
N GLY A 335 12.90 9.98 -20.70
CA GLY A 335 12.01 9.27 -21.56
C GLY A 335 11.45 10.15 -22.66
N GLN A 336 10.14 10.10 -22.86
CA GLN A 336 9.53 10.84 -23.95
C GLN A 336 8.09 11.23 -23.59
N LEU A 337 7.73 12.44 -23.93
CA LEU A 337 6.39 12.92 -23.76
C LEU A 337 5.58 12.39 -24.92
N GLY A 338 4.30 12.14 -24.69
CA GLY A 338 3.42 11.64 -25.75
C GLY A 338 3.32 10.15 -25.89
N ARG A 339 2.46 9.78 -26.84
CA ARG A 339 2.10 8.42 -27.14
C ARG A 339 3.39 7.74 -27.61
N PRO A 340 3.77 6.70 -26.94
CA PRO A 340 5.02 6.07 -27.26
C PRO A 340 4.89 5.54 -28.66
N ASN A 341 5.84 5.85 -29.48
CA ASN A 341 5.69 5.39 -30.82
C ASN A 341 6.80 4.48 -31.16
N PRO A 342 6.42 3.48 -31.92
CA PRO A 342 6.90 2.14 -31.79
C PRO A 342 8.38 2.13 -31.97
N ALA A 343 8.84 2.86 -32.98
CA ALA A 343 10.25 3.06 -33.16
C ALA A 343 10.55 4.55 -33.21
N ASN A 344 11.51 4.94 -32.39
CA ASN A 344 11.67 6.32 -32.00
C ASN A 344 11.67 6.33 -30.50
N PRO A 345 12.39 5.40 -29.92
CA PRO A 345 12.48 5.32 -28.48
C PRO A 345 13.20 6.50 -27.91
N PRO A 346 12.93 6.78 -26.67
CA PRO A 346 13.63 7.84 -25.98
C PRO A 346 15.05 7.44 -25.84
N GLU A 347 15.92 8.40 -25.98
CA GLU A 347 17.30 8.18 -25.79
C GLU A 347 17.71 8.18 -24.31
N LEU A 348 17.02 8.95 -23.48
CA LEU A 348 17.37 9.01 -22.07
C LEU A 348 16.38 8.15 -21.31
N LEU A 349 16.91 7.15 -20.62
CA LEU A 349 16.13 6.14 -19.89
C LEU A 349 15.02 5.62 -20.71
N PRO A 350 15.36 4.84 -21.75
CA PRO A 350 14.32 4.28 -22.60
C PRO A 350 13.35 3.32 -21.94
N SER A 351 13.65 2.79 -20.73
CA SER A 351 12.75 1.80 -20.08
C SER A 351 11.78 2.49 -19.11
N LEU A 352 11.95 3.77 -18.90
CA LEU A 352 11.10 4.48 -17.98
C LEU A 352 9.67 4.32 -18.45
N GLY A 353 8.79 3.96 -17.52
CA GLY A 353 7.35 3.85 -17.81
C GLY A 353 6.96 2.71 -18.67
N SER A 354 7.90 1.77 -18.86
CA SER A 354 7.61 0.49 -19.52
C SER A 354 7.78 -0.63 -18.52
N TYR A 355 7.23 -1.82 -18.82
CA TYR A 355 7.24 -2.96 -17.89
C TYR A 355 6.50 -2.71 -16.59
N ILE A 356 5.48 -1.86 -16.62
CA ILE A 356 4.75 -1.54 -15.41
C ILE A 356 3.95 -2.79 -14.99
N THR A 357 3.82 -2.96 -13.69
CA THR A 357 3.09 -4.10 -13.15
C THR A 357 2.08 -3.54 -12.16
N GLU A 358 0.90 -4.12 -12.17
CA GLU A 358 -0.06 -3.92 -11.12
C GLU A 358 -0.59 -5.30 -10.83
N GLN A 359 -1.09 -5.51 -9.62
CA GLN A 359 -1.49 -6.84 -9.23
C GLN A 359 -2.94 -7.07 -9.56
N SER A 360 -3.32 -8.34 -9.77
CA SER A 360 -4.69 -8.70 -9.85
C SER A 360 -5.15 -8.80 -8.40
N LEU A 361 -6.36 -8.37 -8.12
CA LEU A 361 -6.89 -8.43 -6.74
C LEU A 361 -8.29 -9.10 -6.86
N VAL A 362 -8.50 -10.15 -6.09
CA VAL A 362 -9.80 -10.78 -5.95
C VAL A 362 -10.27 -10.57 -4.49
N PHE A 363 -11.58 -10.44 -4.30
CA PHE A 363 -12.16 -10.09 -3.03
C PHE A 363 -13.46 -10.85 -2.85
N CYS A 364 -13.72 -11.23 -1.60
CA CYS A 364 -15.04 -11.63 -1.12
C CYS A 364 -15.10 -11.40 0.37
N GLN A 365 -16.30 -11.52 0.92
CA GLN A 365 -16.53 -11.68 2.35
C GLN A 365 -17.26 -12.98 2.59
N THR A 366 -17.02 -13.55 3.77
CA THR A 366 -17.72 -14.73 4.22
C THR A 366 -18.48 -14.46 5.53
N VAL A 367 -19.42 -15.35 5.79
CA VAL A 367 -20.28 -15.38 7.01
C VAL A 367 -19.93 -16.69 7.68
N MET A 368 -19.41 -16.58 8.89
CA MET A 368 -18.73 -17.70 9.56
C MET A 368 -19.64 -18.92 9.65
N SER A 369 -19.08 -20.08 9.46
CA SER A 369 -19.83 -21.35 9.50
C SER A 369 -20.38 -21.67 10.88
N THR A 370 -21.44 -22.45 10.88
CA THR A 370 -22.01 -23.00 12.09
C THR A 370 -21.03 -23.85 12.79
N GLU A 371 -20.31 -24.65 12.02
CA GLU A 371 -19.28 -25.48 12.63
C GLU A 371 -18.30 -24.63 13.44
N LEU A 372 -17.85 -23.53 12.84
CA LEU A 372 -16.86 -22.69 13.52
C LEU A 372 -17.45 -21.99 14.73
N ILE A 373 -18.65 -21.41 14.59
CA ILE A 373 -19.28 -20.77 15.74
C ILE A 373 -19.54 -21.75 16.87
N ASP A 374 -20.03 -22.93 16.58
CA ASP A 374 -20.24 -23.92 17.62
C ASP A 374 -18.94 -24.34 18.30
N SER A 375 -17.86 -24.40 17.53
CA SER A 375 -16.60 -24.78 18.09
C SER A 375 -16.11 -23.74 19.15
N VAL A 376 -16.51 -22.48 19.02
CA VAL A 376 -16.12 -21.46 20.00
C VAL A 376 -16.52 -21.92 21.39
N LYS A 377 -17.66 -22.60 21.47
CA LYS A 377 -18.25 -22.96 22.76
C LYS A 377 -18.26 -24.47 23.00
N SER A 378 -17.38 -25.18 22.27
CA SER A 378 -17.26 -26.61 22.34
C SER A 378 -16.96 -27.11 23.77
N ASP A 379 -16.21 -26.37 24.58
CA ASP A 379 -15.87 -26.80 25.96
C ASP A 379 -16.94 -26.51 27.07
N MET A 380 -18.06 -25.91 26.67
CA MET A 380 -19.08 -25.46 27.59
C MET A 380 -20.15 -26.51 27.73
N THR A 381 -20.64 -26.66 28.95
CA THR A 381 -21.95 -27.25 29.26
C THR A 381 -23.04 -26.17 29.30
N ILE A 382 -24.04 -26.34 28.46
CA ILE A 382 -25.11 -25.39 28.27
C ILE A 382 -26.40 -26.07 28.59
N ARG A 383 -27.10 -25.51 29.55
CA ARG A 383 -28.32 -26.06 30.03
C ARG A 383 -29.37 -24.97 30.01
N GLY A 384 -30.60 -25.38 29.71
CA GLY A 384 -31.65 -24.45 29.56
C GLY A 384 -31.55 -23.63 28.32
N THR A 385 -32.44 -22.65 28.26
CA THR A 385 -32.59 -21.76 27.14
C THR A 385 -32.36 -20.33 27.65
N PRO A 386 -31.58 -19.55 26.88
CA PRO A 386 -31.14 -18.22 27.20
C PRO A 386 -32.24 -17.31 27.69
N GLY A 387 -31.98 -16.59 28.78
CA GLY A 387 -32.93 -15.69 29.34
C GLY A 387 -33.99 -16.30 30.20
N GLU A 388 -33.97 -17.63 30.38
CA GLU A 388 -34.88 -18.29 31.34
C GLU A 388 -34.09 -18.50 32.61
N LEU A 389 -34.80 -18.70 33.71
CA LEU A 389 -34.19 -18.82 35.05
C LEU A 389 -33.17 -19.93 35.20
N THR A 390 -33.30 -20.95 34.36
CA THR A 390 -32.47 -22.12 34.49
C THR A 390 -31.27 -22.11 33.56
N TYR A 391 -31.14 -21.09 32.74
CA TYR A 391 -29.99 -21.02 31.86
C TYR A 391 -28.64 -20.97 32.57
N SER A 392 -27.74 -21.84 32.15
CA SER A 392 -26.34 -21.70 32.57
C SER A 392 -25.36 -22.22 31.55
N VAL A 393 -24.14 -21.68 31.64
CA VAL A 393 -23.00 -22.04 30.78
C VAL A 393 -21.83 -22.16 31.68
N THR A 394 -21.19 -23.29 31.65
CA THR A 394 -20.04 -23.52 32.51
C THR A 394 -19.00 -24.31 31.77
N TYR A 395 -17.81 -24.34 32.31
CA TYR A 395 -16.77 -25.15 31.80
C TYR A 395 -15.84 -25.46 32.98
N THR A 396 -14.99 -26.47 32.82
CA THR A 396 -14.01 -26.82 33.87
C THR A 396 -12.68 -26.27 33.51
N PRO A 397 -12.19 -25.27 34.25
CA PRO A 397 -10.86 -24.80 33.93
C PRO A 397 -9.82 -25.93 33.95
N GLY A 398 -8.77 -25.77 33.14
CA GLY A 398 -7.66 -26.70 33.08
C GLY A 398 -7.96 -28.10 32.58
N ALA A 399 -9.20 -28.50 32.42
CA ALA A 399 -9.48 -29.83 31.87
C ALA A 399 -8.67 -30.14 30.58
N SER A 400 -8.13 -31.34 30.52
CA SER A 400 -7.22 -31.74 29.49
C SER A 400 -7.99 -32.05 28.18
N THR A 401 -9.26 -32.39 28.30
CA THR A 401 -10.11 -32.60 27.13
C THR A 401 -10.71 -31.33 26.51
N ASN A 402 -10.52 -30.16 27.15
CA ASN A 402 -10.91 -28.84 26.56
C ASN A 402 -10.12 -28.50 25.29
N LYS A 403 -10.82 -28.04 24.25
CA LYS A 403 -10.13 -27.63 23.04
C LYS A 403 -9.48 -26.26 23.14
N HIS A 404 -9.86 -25.46 24.13
CA HIS A 404 -9.35 -24.11 24.19
C HIS A 404 -8.77 -23.88 25.54
N PRO A 405 -7.90 -22.90 25.67
CA PRO A 405 -7.32 -22.52 26.94
C PRO A 405 -8.23 -21.63 27.73
N ASP A 406 -7.94 -21.54 29.04
CA ASP A 406 -8.87 -21.00 29.98
C ASP A 406 -9.24 -19.60 29.59
N TRP A 407 -8.30 -18.81 29.12
CA TRP A 407 -8.64 -17.45 28.78
C TRP A 407 -9.75 -17.39 27.71
N TRP A 408 -9.78 -18.36 26.81
CA TRP A 408 -10.78 -18.37 25.73
C TRP A 408 -12.09 -18.62 26.40
N ASN A 409 -12.13 -19.71 27.16
CA ASN A 409 -13.35 -20.16 27.80
C ASN A 409 -14.00 -19.20 28.81
N GLU A 410 -13.18 -18.53 29.59
CA GLU A 410 -13.64 -17.44 30.46
C GLU A 410 -14.36 -16.32 29.70
N LYS A 411 -13.75 -15.83 28.61
CA LYS A 411 -14.35 -14.77 27.81
C LYS A 411 -15.66 -15.23 27.18
N VAL A 412 -15.72 -16.49 26.74
CA VAL A 412 -16.94 -17.01 26.10
C VAL A 412 -18.07 -17.20 27.06
N LYS A 413 -17.73 -17.85 28.17
CA LYS A 413 -18.66 -18.08 29.27
C LYS A 413 -19.19 -16.75 29.81
N ASN A 414 -18.31 -15.81 30.07
CA ASN A 414 -18.79 -14.55 30.58
C ASN A 414 -19.72 -13.90 29.56
N HIS A 415 -19.32 -13.93 28.30
CA HIS A 415 -20.12 -13.24 27.27
C HIS A 415 -21.46 -13.89 27.17
N MET A 416 -21.46 -15.23 27.18
CA MET A 416 -22.73 -15.96 27.11
C MET A 416 -23.66 -15.75 28.29
N MET A 417 -23.10 -15.57 29.49
CA MET A 417 -23.96 -15.46 30.64
C MET A 417 -24.47 -14.03 30.78
N GLN A 418 -23.59 -13.07 30.54
CA GLN A 418 -23.89 -11.67 30.71
C GLN A 418 -24.70 -11.13 29.52
N HIS A 419 -24.74 -11.82 28.38
CA HIS A 419 -25.54 -11.28 27.23
C HIS A 419 -26.42 -12.35 26.67
N GLN A 420 -27.46 -12.68 27.42
CA GLN A 420 -28.30 -13.80 27.04
C GLN A 420 -29.24 -13.43 25.90
N GLU A 421 -29.34 -12.15 25.58
CA GLU A 421 -30.07 -11.67 24.40
C GLU A 421 -29.26 -11.85 23.12
N ASP A 422 -27.98 -12.21 23.22
CA ASP A 422 -27.05 -12.29 22.08
C ASP A 422 -26.81 -13.77 21.78
N PRO A 423 -27.12 -14.22 20.57
CA PRO A 423 -27.03 -15.68 20.29
C PRO A 423 -25.62 -16.15 19.93
N LEU A 424 -24.65 -15.25 19.90
CA LEU A 424 -23.31 -15.58 19.53
C LEU A 424 -22.34 -15.59 20.74
N PRO A 425 -21.37 -16.49 20.72
CA PRO A 425 -20.50 -16.74 21.87
C PRO A 425 -19.23 -15.93 21.80
N ILE A 426 -19.13 -15.03 20.81
CA ILE A 426 -17.99 -14.17 20.64
C ILE A 426 -18.20 -12.81 21.29
N PRO A 427 -17.28 -12.36 22.19
CA PRO A 427 -17.34 -11.08 22.83
C PRO A 427 -17.40 -9.96 21.85
N PHE A 428 -18.06 -8.88 22.25
CA PHE A 428 -18.42 -7.84 21.33
C PHE A 428 -17.22 -7.02 20.82
N GLU A 429 -16.24 -6.82 21.67
CA GLU A 429 -15.05 -6.08 21.28
C GLU A 429 -13.85 -6.95 20.85
N ASP A 430 -14.09 -8.20 20.50
CA ASP A 430 -13.08 -9.14 20.12
C ASP A 430 -12.41 -8.58 18.89
N PRO A 431 -11.07 -8.38 18.91
CA PRO A 431 -10.48 -7.87 17.67
C PRO A 431 -10.65 -8.83 16.45
N GLU A 432 -10.41 -8.26 15.31
CA GLU A 432 -10.66 -8.90 14.05
C GLU A 432 -9.54 -9.89 13.72
N PRO A 433 -9.83 -10.87 12.85
CA PRO A 433 -8.83 -11.77 12.32
C PRO A 433 -7.83 -11.00 11.44
N GLN A 434 -6.58 -11.45 11.47
CA GLN A 434 -5.52 -10.85 10.68
C GLN A 434 -4.63 -11.94 10.16
N VAL A 435 -5.14 -12.72 9.20
CA VAL A 435 -4.53 -14.03 8.85
C VAL A 435 -3.98 -13.98 7.43
N THR A 436 -2.87 -14.69 7.21
CA THR A 436 -2.32 -14.87 5.91
C THR A 436 -1.67 -16.26 5.78
N THR A 437 -1.69 -16.74 4.55
CA THR A 437 -0.64 -17.68 4.09
C THR A 437 0.17 -16.96 3.02
N LEU A 438 1.46 -16.75 3.30
CA LEU A 438 2.32 -15.93 2.41
C LEU A 438 2.57 -16.62 1.07
N PHE A 439 2.71 -15.81 0.05
CA PHE A 439 3.12 -16.27 -1.27
C PHE A 439 4.11 -17.45 -1.27
N GLN A 440 3.83 -18.47 -2.08
CA GLN A 440 4.79 -19.55 -2.32
C GLN A 440 4.67 -19.99 -3.74
N PRO A 441 5.67 -20.74 -4.26
CA PRO A 441 5.65 -21.24 -5.62
C PRO A 441 4.39 -22.03 -5.94
N SER A 442 3.93 -22.91 -5.04
CA SER A 442 2.65 -23.65 -5.23
C SER A 442 1.36 -22.83 -5.00
N HIS A 443 1.47 -21.65 -4.36
CA HIS A 443 0.32 -20.70 -4.32
C HIS A 443 0.85 -19.32 -4.46
N PRO A 444 1.20 -18.95 -5.71
CA PRO A 444 1.90 -17.67 -5.96
C PRO A 444 0.99 -16.41 -5.93
N TRP A 445 0.44 -16.15 -4.75
CA TRP A 445 -0.31 -14.96 -4.52
C TRP A 445 -0.25 -14.65 -3.06
N HIS A 446 -0.41 -13.37 -2.73
CA HIS A 446 -0.46 -12.96 -1.37
C HIS A 446 -1.91 -13.08 -0.90
N THR A 447 -2.06 -13.37 0.36
CA THR A 447 -3.40 -13.51 0.97
C THR A 447 -3.57 -12.70 2.25
N GLN A 448 -4.75 -12.11 2.39
CA GLN A 448 -5.17 -11.42 3.59
C GLN A 448 -6.60 -11.86 3.89
N ILE A 449 -6.77 -12.39 5.09
CA ILE A 449 -8.00 -12.98 5.55
C ILE A 449 -8.23 -12.26 6.89
N HIS A 450 -9.05 -11.22 6.82
CA HIS A 450 -8.96 -10.17 7.80
C HIS A 450 -10.20 -9.34 7.82
N ARG A 451 -10.14 -8.21 8.50
CA ARG A 451 -11.15 -7.21 8.38
C ARG A 451 -10.50 -5.89 8.17
N ASP A 452 -10.96 -5.18 7.14
CA ASP A 452 -10.62 -3.79 6.93
C ASP A 452 -11.94 -2.95 6.91
N ALA A 453 -11.82 -1.64 7.06
CA ALA A 453 -12.98 -0.73 6.95
C ALA A 453 -13.73 -1.07 5.66
N PHE A 454 -15.05 -1.07 5.77
CA PHE A 454 -15.88 -1.42 4.65
C PHE A 454 -17.21 -0.71 4.78
N SER A 455 -17.74 -0.23 3.65
CA SER A 455 -19.09 0.39 3.69
C SER A 455 -20.05 -0.74 3.43
N TYR A 456 -20.62 -1.28 4.51
CA TYR A 456 -21.60 -2.35 4.36
C TYR A 456 -22.94 -1.80 3.85
N GLY A 457 -23.53 -2.47 2.83
CA GLY A 457 -24.89 -2.12 2.34
C GLY A 457 -25.94 -2.41 3.42
N ALA A 458 -27.17 -1.93 3.25
CA ALA A 458 -28.16 -2.04 4.36
C ALA A 458 -28.52 -3.50 4.59
N VAL A 459 -28.52 -4.30 3.54
CA VAL A 459 -28.76 -5.72 3.69
C VAL A 459 -27.64 -6.44 4.41
N GLN A 460 -26.42 -6.17 3.98
CA GLN A 460 -25.27 -6.81 4.59
C GLN A 460 -25.16 -6.41 6.06
N GLN A 461 -25.63 -5.19 6.41
CA GLN A 461 -25.69 -4.73 7.79
C GLN A 461 -26.63 -5.56 8.63
N SER A 462 -27.44 -6.40 8.00
CA SER A 462 -28.28 -7.36 8.71
C SER A 462 -27.47 -8.46 9.34
N ILE A 463 -26.28 -8.72 8.83
CA ILE A 463 -25.43 -9.83 9.30
C ILE A 463 -24.48 -9.34 10.39
N ASP A 464 -24.50 -10.02 11.54
CA ASP A 464 -23.69 -9.57 12.67
C ASP A 464 -22.24 -9.49 12.24
N SER A 465 -21.57 -8.40 12.61
CA SER A 465 -20.24 -8.12 12.16
C SER A 465 -19.24 -9.20 12.61
N ARG A 466 -19.51 -9.84 13.73
CA ARG A 466 -18.56 -10.88 14.24
C ARG A 466 -18.44 -12.07 13.30
N LEU A 467 -19.50 -12.27 12.50
CA LEU A 467 -19.53 -13.31 11.56
C LEU A 467 -18.69 -13.08 10.31
N ILE A 468 -18.30 -11.85 10.07
CA ILE A 468 -17.86 -11.46 8.68
C ILE A 468 -16.35 -11.49 8.61
N VAL A 469 -15.85 -12.09 7.56
CA VAL A 469 -14.41 -12.08 7.30
C VAL A 469 -14.16 -11.57 5.87
N ASP A 470 -13.18 -10.68 5.73
CA ASP A 470 -12.72 -10.20 4.38
C ASP A 470 -11.64 -11.12 3.80
N TRP A 471 -11.71 -11.35 2.49
CA TRP A 471 -10.71 -12.12 1.73
C TRP A 471 -10.18 -11.29 0.61
N ARG A 472 -8.88 -11.03 0.60
CA ARG A 472 -8.24 -10.32 -0.51
C ARG A 472 -7.01 -11.09 -0.89
N PHE A 473 -6.97 -11.54 -2.14
CA PHE A 473 -5.83 -12.29 -2.67
C PHE A 473 -5.28 -11.44 -3.81
N PHE A 474 -3.94 -11.34 -3.84
CA PHE A 474 -3.20 -10.49 -4.75
C PHE A 474 -2.21 -11.36 -5.60
N GLY A 475 -2.31 -11.25 -6.90
CA GLY A 475 -1.56 -12.03 -7.86
C GLY A 475 -0.35 -11.23 -8.28
N ARG A 476 0.67 -11.90 -8.77
CA ARG A 476 1.80 -11.23 -9.32
C ARG A 476 1.65 -11.01 -10.81
N THR A 477 2.20 -9.89 -11.33
CA THR A 477 2.04 -9.56 -12.75
C THR A 477 3.43 -9.53 -13.40
N GLU A 478 3.63 -10.36 -14.43
CA GLU A 478 4.85 -10.33 -15.17
C GLU A 478 5.13 -8.96 -15.82
N PRO A 479 6.38 -8.50 -15.67
CA PRO A 479 6.75 -7.23 -16.31
C PRO A 479 6.83 -7.39 -17.81
N LYS A 480 6.10 -6.56 -18.57
CA LYS A 480 6.10 -6.63 -20.06
C LYS A 480 6.34 -5.22 -20.63
N GLU A 481 7.18 -5.14 -21.65
CA GLU A 481 7.50 -3.90 -22.32
C GLU A 481 6.27 -3.14 -22.80
N GLU A 482 5.30 -3.86 -23.32
CA GLU A 482 4.11 -3.16 -23.89
C GLU A 482 3.20 -2.54 -22.83
N ASN A 483 3.45 -2.84 -21.55
CA ASN A 483 2.62 -2.31 -20.48
C ASN A 483 3.28 -1.02 -20.01
N LYS A 484 2.57 0.09 -20.24
CA LYS A 484 3.16 1.40 -20.10
C LYS A 484 2.34 2.39 -19.31
N LEU A 485 3.05 3.29 -18.66
CA LEU A 485 2.51 4.56 -18.18
C LEU A 485 3.17 5.66 -19.04
N TRP A 486 2.39 6.37 -19.83
CA TRP A 486 2.94 7.50 -20.57
C TRP A 486 2.26 8.79 -20.20
N PHE A 487 2.72 9.90 -20.78
CA PHE A 487 2.19 11.19 -20.43
C PHE A 487 1.93 11.94 -21.69
N SER A 488 0.77 12.57 -21.71
CA SER A 488 0.32 13.33 -22.82
C SER A 488 1.19 14.58 -23.08
N ASP A 489 1.46 14.87 -24.33
CA ASP A 489 2.16 16.17 -24.70
C ASP A 489 1.20 17.32 -24.92
N LYS A 490 -0.10 17.09 -24.77
CA LYS A 490 -1.18 18.02 -25.07
C LYS A 490 -2.10 18.28 -23.84
N ILE A 491 -2.41 17.25 -23.08
CA ILE A 491 -3.40 17.29 -21.99
C ILE A 491 -2.60 17.40 -20.71
N THR A 492 -3.08 18.22 -19.79
CA THR A 492 -2.53 18.29 -18.46
C THR A 492 -3.49 17.92 -17.33
N ASP A 493 -2.91 17.60 -16.18
CA ASP A 493 -3.66 17.26 -14.98
C ASP A 493 -4.04 18.49 -14.18
N ALA A 494 -4.65 18.27 -13.02
CA ALA A 494 -5.15 19.39 -12.23
C ALA A 494 -4.02 20.32 -11.76
N TYR A 495 -2.77 19.86 -11.76
CA TYR A 495 -1.62 20.69 -11.38
C TYR A 495 -0.83 21.10 -12.58
N ASN A 496 -1.47 21.06 -13.74
CA ASN A 496 -0.85 21.45 -14.96
C ASN A 496 0.38 20.69 -15.33
N MET A 497 0.37 19.42 -15.02
CA MET A 497 1.50 18.60 -15.34
C MET A 497 1.02 17.58 -16.38
N PRO A 498 1.97 17.00 -17.15
CA PRO A 498 1.53 16.11 -18.27
C PRO A 498 0.64 15.00 -17.74
N GLN A 499 -0.47 14.79 -18.43
CA GLN A 499 -1.53 13.97 -17.97
C GLN A 499 -1.12 12.50 -18.11
N PRO A 500 -1.06 11.75 -16.99
CA PRO A 500 -0.81 10.31 -17.11
C PRO A 500 -1.91 9.52 -17.87
N THR A 501 -1.42 8.56 -18.62
CA THR A 501 -2.18 7.71 -19.41
C THR A 501 -1.58 6.29 -19.33
N PHE A 502 -2.44 5.30 -19.17
CA PHE A 502 -2.01 3.90 -19.09
C PHE A 502 -2.28 3.23 -20.41
N ASP A 503 -1.38 2.30 -20.76
CA ASP A 503 -1.62 1.32 -21.83
C ASP A 503 -1.23 -0.04 -21.21
N PHE A 504 -2.23 -0.70 -20.66
CA PHE A 504 -2.01 -1.86 -19.84
C PHE A 504 -3.10 -2.88 -20.08
N ARG A 505 -2.66 -4.14 -20.15
CA ARG A 505 -3.51 -5.31 -19.97
C ARG A 505 -2.74 -6.32 -19.15
N PHE A 506 -3.45 -7.12 -18.36
CA PHE A 506 -2.71 -8.14 -17.61
C PHE A 506 -2.10 -9.13 -18.63
N PRO A 507 -0.81 -9.47 -18.48
CA PRO A 507 -0.28 -10.22 -19.62
C PRO A 507 -0.95 -11.58 -19.74
N ALA A 508 -1.03 -12.02 -20.98
CA ALA A 508 -1.31 -13.39 -21.29
C ALA A 508 -0.24 -14.36 -20.71
N GLY A 509 -0.71 -15.57 -20.63
CA GLY A 509 0.07 -16.65 -20.16
C GLY A 509 -0.01 -16.66 -18.65
N ARG A 510 1.16 -16.72 -18.02
CA ARG A 510 1.22 -17.10 -16.63
C ARG A 510 0.43 -16.14 -15.72
N THR A 511 0.59 -14.82 -15.92
CA THR A 511 -0.09 -13.85 -15.05
C THR A 511 -1.59 -14.10 -15.06
N SER A 512 -2.18 -14.28 -16.24
CA SER A 512 -3.63 -14.45 -16.36
C SER A 512 -4.06 -15.77 -15.74
N LYS A 513 -3.32 -16.81 -16.09
CA LYS A 513 -3.66 -18.12 -15.66
C LYS A 513 -3.58 -18.16 -14.13
N GLU A 514 -2.52 -17.60 -13.55
CA GLU A 514 -2.38 -17.58 -12.09
C GLU A 514 -3.47 -16.74 -11.48
N ALA A 515 -3.89 -15.65 -12.11
CA ALA A 515 -4.97 -14.80 -11.55
C ALA A 515 -6.27 -15.60 -11.41
N GLU A 516 -6.53 -16.46 -12.38
CA GLU A 516 -7.71 -17.28 -12.31
C GLU A 516 -7.55 -18.43 -11.32
N ASP A 517 -6.35 -19.05 -11.22
CA ASP A 517 -6.09 -20.00 -10.13
C ASP A 517 -6.24 -19.38 -8.74
N MET A 518 -5.81 -18.12 -8.61
CA MET A 518 -5.88 -17.35 -7.38
C MET A 518 -7.36 -17.11 -6.96
N MET A 519 -8.19 -16.67 -7.90
CA MET A 519 -9.64 -16.64 -7.66
C MET A 519 -10.15 -17.98 -7.16
N THR A 520 -9.82 -19.04 -7.87
CA THR A 520 -10.22 -20.37 -7.47
C THR A 520 -9.74 -20.71 -6.06
N ASP A 521 -8.48 -20.38 -5.76
CA ASP A 521 -7.92 -20.66 -4.43
C ASP A 521 -8.68 -19.90 -3.39
N MET A 522 -9.15 -18.69 -3.70
CA MET A 522 -9.87 -17.95 -2.66
C MET A 522 -11.25 -18.61 -2.40
N CYS A 523 -11.91 -19.04 -3.47
CA CYS A 523 -13.13 -19.70 -3.36
C CYS A 523 -12.97 -20.97 -2.49
N VAL A 524 -11.96 -21.76 -2.75
CA VAL A 524 -11.76 -23.06 -2.10
C VAL A 524 -11.44 -22.79 -0.64
N MET A 525 -10.57 -21.82 -0.39
CA MET A 525 -10.09 -21.57 0.95
C MET A 525 -11.16 -20.93 1.84
N SER A 526 -11.89 -20.00 1.26
CA SER A 526 -12.91 -19.28 2.00
C SER A 526 -14.06 -20.22 2.45
N ALA A 527 -14.32 -21.23 1.67
CA ALA A 527 -15.38 -22.21 1.93
C ALA A 527 -15.13 -22.98 3.23
N LYS A 528 -13.86 -23.08 3.66
CA LYS A 528 -13.49 -23.74 4.90
C LYS A 528 -13.92 -22.89 6.15
N ILE A 529 -14.09 -21.58 5.95
CA ILE A 529 -14.47 -20.68 7.02
C ILE A 529 -16.00 -20.36 7.01
N GLY A 530 -16.60 -20.18 5.82
CA GLY A 530 -18.04 -19.98 5.74
C GLY A 530 -18.44 -19.72 4.31
N GLY A 531 -19.73 -19.51 4.11
CA GLY A 531 -20.24 -19.12 2.79
C GLY A 531 -20.00 -17.68 2.47
N PHE A 532 -20.08 -17.32 1.19
CA PHE A 532 -19.97 -15.91 0.82
C PHE A 532 -21.05 -15.04 1.38
N LEU A 533 -20.73 -13.78 1.64
CA LEU A 533 -21.71 -12.80 2.06
C LEU A 533 -22.34 -12.20 0.83
N PRO A 534 -23.69 -12.31 0.66
CA PRO A 534 -24.31 -11.60 -0.45
C PRO A 534 -23.96 -10.12 -0.50
N GLY A 535 -23.66 -9.64 -1.70
CA GLY A 535 -23.26 -8.27 -1.92
C GLY A 535 -21.74 -8.16 -1.95
N SER A 536 -21.05 -9.20 -1.50
CA SER A 536 -19.62 -9.23 -1.47
C SER A 536 -19.18 -10.64 -1.95
N LEU A 537 -19.71 -11.01 -3.11
CA LEU A 537 -19.41 -12.30 -3.72
C LEU A 537 -18.08 -12.22 -4.43
N PRO A 538 -17.46 -13.38 -4.72
CA PRO A 538 -16.11 -13.38 -5.26
C PRO A 538 -16.06 -12.67 -6.58
N GLN A 539 -15.10 -11.75 -6.67
CA GLN A 539 -14.99 -10.89 -7.79
C GLN A 539 -13.56 -10.41 -7.93
N PHE A 540 -13.18 -10.11 -9.16
CA PHE A 540 -12.03 -9.25 -9.43
C PHE A 540 -12.39 -7.82 -9.22
N MET A 541 -11.49 -7.10 -8.59
CA MET A 541 -11.59 -5.64 -8.43
C MET A 541 -11.03 -4.96 -9.66
N GLU A 542 -11.45 -3.72 -9.90
CA GLU A 542 -10.98 -3.00 -11.06
C GLU A 542 -9.44 -2.83 -11.03
N PRO A 543 -8.82 -2.89 -12.20
CA PRO A 543 -7.38 -2.97 -12.32
C PRO A 543 -6.76 -1.75 -11.72
N GLY A 544 -5.87 -1.94 -10.74
CA GLY A 544 -5.26 -0.81 -10.13
C GLY A 544 -5.84 -0.37 -8.83
N LEU A 545 -6.98 -0.97 -8.44
CA LEU A 545 -7.62 -0.64 -7.21
C LEU A 545 -6.72 -1.04 -6.05
N CYS A 546 -5.89 -2.06 -6.23
CA CYS A 546 -5.00 -2.49 -5.12
C CYS A 546 -3.91 -1.50 -4.85
N LEU A 547 -3.67 -0.57 -5.75
CA LEU A 547 -2.65 0.50 -5.50
C LEU A 547 -1.23 -0.07 -5.24
N HIS A 548 -0.87 -1.14 -5.94
CA HIS A 548 0.46 -1.76 -5.81
C HIS A 548 1.26 -1.66 -7.05
N LEU A 549 1.07 -0.56 -7.78
CA LEU A 549 1.75 -0.30 -9.07
C LEU A 549 3.27 -0.24 -8.87
N GLY A 550 3.97 -0.97 -9.71
CA GLY A 550 5.42 -1.10 -9.62
C GLY A 550 6.02 -1.00 -11.01
N GLY A 551 7.35 -0.95 -11.03
CA GLY A 551 8.11 -1.11 -12.26
C GLY A 551 8.10 0.07 -13.19
N THR A 552 7.57 1.19 -12.75
CA THR A 552 7.45 2.35 -13.57
C THR A 552 8.82 3.06 -13.81
N HIS A 553 9.75 2.85 -12.86
CA HIS A 553 11.12 3.38 -12.90
C HIS A 553 12.06 2.36 -12.29
N ARG A 554 12.11 1.24 -12.99
CA ARG A 554 12.47 -0.03 -12.39
C ARG A 554 13.94 -0.25 -12.22
N MET A 555 14.24 -1.10 -11.27
CA MET A 555 15.58 -1.27 -10.85
C MET A 555 16.19 -2.47 -11.57
N GLY A 556 17.51 -2.41 -11.84
CA GLY A 556 18.28 -3.57 -12.24
C GLY A 556 19.79 -3.30 -12.18
N PHE A 557 20.62 -4.28 -12.52
CA PHE A 557 22.08 -4.10 -12.52
C PHE A 557 22.56 -3.31 -13.75
N ASP A 558 21.95 -3.54 -14.91
CA ASP A 558 22.42 -2.99 -16.16
C ASP A 558 21.25 -2.41 -16.94
N GLU A 559 21.38 -1.13 -17.27
CA GLU A 559 20.32 -0.35 -17.88
C GLU A 559 19.77 -1.01 -19.11
N LYS A 560 20.68 -1.49 -19.92
CA LYS A 560 20.30 -2.08 -21.21
C LYS A 560 19.85 -3.52 -21.04
N GLU A 561 20.69 -4.35 -20.42
CA GLU A 561 20.42 -5.78 -20.28
C GLU A 561 19.22 -6.11 -19.34
N ASP A 562 18.98 -5.28 -18.31
CA ASP A 562 17.84 -5.49 -17.44
C ASP A 562 16.72 -4.50 -17.70
N ASN A 563 16.79 -3.73 -18.80
CA ASN A 563 15.77 -2.75 -19.17
C ASN A 563 15.23 -1.99 -17.97
N CYS A 564 16.12 -1.29 -17.31
CA CYS A 564 15.84 -0.63 -16.07
C CYS A 564 16.28 0.82 -16.09
N CYS A 565 16.01 1.49 -15.00
CA CYS A 565 16.18 2.94 -14.88
C CYS A 565 17.04 3.35 -13.73
N VAL A 566 17.09 2.54 -12.68
CA VAL A 566 17.94 2.77 -11.52
C VAL A 566 18.75 1.47 -11.23
N ASN A 567 19.93 1.64 -10.69
CA ASN A 567 20.70 0.56 -10.18
C ASN A 567 20.27 0.13 -8.77
N THR A 568 21.00 -0.79 -8.16
CA THR A 568 20.56 -1.33 -6.86
C THR A 568 20.79 -0.36 -5.70
N ASP A 569 21.42 0.79 -5.99
CA ASP A 569 21.47 1.91 -5.04
C ASP A 569 20.35 2.91 -5.29
N SER A 570 19.42 2.54 -6.15
CA SER A 570 18.34 3.39 -6.58
C SER A 570 18.84 4.68 -7.22
N ARG A 571 20.06 4.67 -7.77
CA ARG A 571 20.59 5.82 -8.48
C ARG A 571 20.21 5.71 -9.94
N VAL A 572 19.77 6.82 -10.51
CA VAL A 572 19.40 6.82 -11.88
C VAL A 572 20.64 6.69 -12.76
N PHE A 573 20.60 5.78 -13.75
CA PHE A 573 21.85 5.44 -14.49
C PHE A 573 22.38 6.69 -15.11
N GLY A 574 23.68 6.95 -14.91
CA GLY A 574 24.34 8.13 -15.49
C GLY A 574 24.48 9.28 -14.52
N PHE A 575 23.61 9.34 -13.52
CA PHE A 575 23.53 10.46 -12.64
C PHE A 575 24.25 10.25 -11.31
N LYS A 576 25.12 11.17 -10.95
CA LYS A 576 25.84 11.12 -9.69
C LYS A 576 24.93 11.36 -8.48
N ASN A 577 23.90 12.19 -8.62
CA ASN A 577 23.19 12.70 -7.44
C ASN A 577 21.65 12.70 -7.58
N LEU A 578 21.12 11.78 -8.40
CA LEU A 578 19.66 11.58 -8.51
C LEU A 578 19.28 10.20 -8.08
N PHE A 579 18.33 10.10 -7.15
CA PHE A 579 17.85 8.80 -6.64
C PHE A 579 16.32 8.75 -6.64
N LEU A 580 15.79 7.59 -7.02
CA LEU A 580 14.34 7.37 -6.95
C LEU A 580 14.03 6.36 -5.85
N GLY A 581 13.04 6.70 -5.02
CA GLY A 581 12.50 5.79 -4.03
C GLY A 581 11.07 5.38 -4.29
N GLY A 582 10.77 4.11 -4.02
CA GLY A 582 9.38 3.66 -3.96
C GLY A 582 9.13 2.44 -4.82
N CYS A 583 7.84 2.12 -4.94
CA CYS A 583 7.37 0.89 -5.58
C CYS A 583 7.66 0.85 -7.07
N GLY A 584 7.72 2.01 -7.70
CA GLY A 584 8.23 2.15 -9.07
C GLY A 584 9.59 1.54 -9.36
N ASN A 585 10.43 1.40 -8.32
CA ASN A 585 11.71 0.70 -8.48
C ASN A 585 11.56 -0.83 -8.67
N ILE A 586 10.50 -1.40 -8.12
CA ILE A 586 10.45 -2.87 -8.05
C ILE A 586 10.27 -3.44 -9.46
N PRO A 587 11.24 -4.23 -9.93
CA PRO A 587 11.18 -4.65 -11.30
C PRO A 587 10.57 -6.06 -11.51
N THR A 588 10.27 -6.75 -10.42
CA THR A 588 9.79 -8.13 -10.47
C THR A 588 8.27 -8.27 -10.47
N ALA A 589 7.82 -9.49 -10.74
CA ALA A 589 6.45 -9.88 -10.53
C ALA A 589 6.24 -10.24 -9.04
N TYR A 590 5.46 -9.44 -8.34
CA TYR A 590 5.18 -9.69 -6.92
C TYR A 590 3.72 -9.58 -6.60
N GLY A 591 3.29 -10.39 -5.64
CA GLY A 591 1.93 -10.40 -5.05
C GLY A 591 1.79 -9.74 -3.68
N ALA A 592 2.80 -9.83 -2.84
CA ALA A 592 2.77 -9.26 -1.49
C ALA A 592 2.81 -7.72 -1.49
N ASN A 593 2.42 -7.12 -0.39
CA ASN A 593 2.29 -5.67 -0.32
C ASN A 593 3.71 -5.07 -0.43
N PRO A 594 3.88 -4.07 -1.30
CA PRO A 594 5.28 -3.76 -1.69
C PRO A 594 6.00 -2.74 -0.82
N THR A 595 5.31 -2.08 0.10
CA THR A 595 5.93 -0.94 0.71
C THR A 595 7.19 -1.32 1.52
N LEU A 596 7.16 -2.44 2.22
CA LEU A 596 8.30 -2.81 3.04
C LEU A 596 9.56 -3.02 2.18
N THR A 597 9.36 -3.64 1.01
CA THR A 597 10.38 -3.87 0.04
C THR A 597 10.89 -2.53 -0.51
N ALA A 598 10.00 -1.58 -0.77
CA ALA A 598 10.43 -0.28 -1.22
C ALA A 598 11.30 0.41 -0.16
N MET A 599 10.87 0.31 1.09
CA MET A 599 11.55 0.95 2.18
C MET A 599 12.96 0.35 2.30
N SER A 600 13.04 -0.96 2.11
CA SER A 600 14.30 -1.65 2.22
C SER A 600 15.29 -1.14 1.16
N LEU A 601 14.82 -1.04 -0.08
CA LEU A 601 15.63 -0.51 -1.15
C LEU A 601 16.10 0.96 -0.76
N ALA A 602 15.20 1.73 -0.16
CA ALA A 602 15.46 3.12 0.19
C ALA A 602 16.55 3.14 1.23
N ILE A 603 16.49 2.20 2.21
CA ILE A 603 17.58 2.11 3.15
C ILE A 603 18.91 1.89 2.40
N LYS A 604 18.93 1.01 1.40
CA LYS A 604 20.19 0.71 0.73
C LYS A 604 20.70 1.92 -0.05
N SER A 605 19.75 2.65 -0.66
CA SER A 605 20.06 3.83 -1.39
C SER A 605 20.69 4.88 -0.47
N CYS A 606 20.08 5.03 0.72
CA CYS A 606 20.64 5.93 1.71
C CYS A 606 22.06 5.57 2.14
N GLU A 607 22.35 4.26 2.24
CA GLU A 607 23.72 3.82 2.60
C GLU A 607 24.70 4.33 1.53
N TYR A 608 24.29 4.23 0.29
CA TYR A 608 25.09 4.75 -0.79
C TYR A 608 25.37 6.27 -0.66
N ILE A 609 24.32 7.01 -0.39
CA ILE A 609 24.42 8.46 -0.28
C ILE A 609 25.40 8.80 0.83
N LYS A 610 25.25 8.13 1.98
CA LYS A 610 26.22 8.25 3.09
C LYS A 610 27.66 7.91 2.69
N GLN A 611 27.82 6.95 1.77
CA GLN A 611 29.14 6.58 1.26
C GLN A 611 29.79 7.60 0.31
N ASN A 612 28.96 8.45 -0.30
CA ASN A 612 29.42 9.32 -1.36
C ASN A 612 29.18 10.83 -1.20
N PHE A 613 28.41 11.29 -0.21
CA PHE A 613 28.15 12.71 -0.12
C PHE A 613 28.44 13.14 1.29
N THR A 614 29.17 14.25 1.44
CA THR A 614 29.57 14.72 2.76
C THR A 614 28.54 15.69 3.24
N PRO A 615 28.02 15.52 4.48
CA PRO A 615 27.11 16.55 4.96
C PRO A 615 27.82 17.87 5.19
N SER A 616 27.10 18.99 5.00
CA SER A 616 27.75 20.30 5.12
C SER A 616 27.96 20.69 6.57
N PRO A 617 28.97 21.51 6.87
CA PRO A 617 29.10 21.88 8.28
C PRO A 617 27.83 22.57 8.79
N PHE A 618 27.44 22.22 10.01
CA PHE A 618 26.24 22.77 10.59
C PHE A 618 26.32 24.29 10.76
PA FDA B . 3.12 7.91 -1.32
O1A FDA B . 2.13 7.85 -2.41
O2A FDA B . 2.67 7.37 0.05
O5B FDA B . 3.52 9.42 -1.11
C5B FDA B . 4.09 10.17 -2.13
C4B FDA B . 3.82 11.60 -1.94
O4B FDA B . 4.51 12.58 -2.77
C3B FDA B . 2.46 12.26 -1.55
O3B FDA B . 2.32 12.56 -0.21
C2B FDA B . 2.27 13.45 -2.42
O2B FDA B . 1.44 14.55 -2.05
C1B FDA B . 3.59 13.60 -3.15
N9A FDA B . 3.73 14.11 -4.50
C8A FDA B . 3.27 13.44 -5.54
N7A FDA B . 3.60 14.18 -6.61
C5A FDA B . 4.34 15.28 -6.19
C6A FDA B . 4.99 16.31 -6.86
N6A FDA B . 5.11 16.46 -8.18
N1A FDA B . 5.64 17.18 -6.10
C2A FDA B . 5.70 17.12 -4.73
N3A FDA B . 5.10 16.09 -4.08
C4A FDA B . 4.44 15.20 -4.81
N1 FDA B . 0.92 -0.80 1.06
C2 FDA B . 1.46 -1.73 1.87
O2 FDA B . 2.59 -2.16 1.61
N3 FDA B . 0.59 -2.44 2.69
C4 FDA B . -0.67 -2.11 3.07
O4 FDA B . -1.41 -2.86 3.78
C4X FDA B . -1.23 -1.09 2.10
N5 FDA B . -2.51 -0.78 2.15
C5X FDA B . -2.96 0.36 1.59
C6 FDA B . -4.35 0.59 1.54
C7 FDA B . -4.85 1.78 0.97
C7M FDA B . -6.35 1.90 0.80
C8 FDA B . -3.99 2.70 0.34
C8M FDA B . -4.53 4.09 -0.07
C9 FDA B . -2.64 2.35 0.20
C9A FDA B . -2.13 1.14 0.73
N10 FDA B . -0.81 0.70 0.52
C10 FDA B . -0.38 -0.44 1.17
C1' FDA B . 0.18 1.43 -0.39
C2' FDA B . 1.25 2.25 0.33
O2' FDA B . 0.62 3.25 1.10
C3' FDA B . 2.16 2.89 -0.68
O3' FDA B . 2.87 1.87 -1.34
C4' FDA B . 3.18 3.80 0.00
O4' FDA B . 2.56 4.83 0.75
C5' FDA B . 4.18 4.35 -1.02
O5' FDA B . 4.95 5.33 -0.35
P FDA B . 5.68 6.46 -1.19
O1P FDA B . 6.30 7.31 -0.13
O2P FDA B . 6.41 5.79 -2.36
O3P FDA B . 4.43 7.21 -1.93
C1 SHG C . -5.67 -4.14 1.50
C2 SHG C . -4.16 -4.29 1.50
C3 SHG C . -3.49 -3.32 0.53
C4 SHG C . -4.23 -2.77 -0.74
C5 SHG C . -5.76 -2.73 -0.61
C6 SHG C . -6.67 -2.67 -1.84
O1 SHG C . -6.36 -5.22 2.06
O3 SHG C . -2.11 -3.62 0.44
O4 SHG C . -3.78 -1.50 -1.20
O5 SHG C . -6.34 -3.62 0.33
O6 SHG C . -8.06 -2.89 -1.50
F2 SHG C . -3.64 -4.33 2.79
O1 MES D . -26.55 10.79 -22.59
C2 MES D . -27.13 11.73 -23.47
C3 MES D . -25.96 12.50 -24.12
N4 MES D . -25.20 13.28 -23.06
C5 MES D . -24.72 12.27 -22.06
C6 MES D . -25.84 11.39 -21.51
C7 MES D . -24.10 14.07 -23.71
C8 MES D . -23.10 14.69 -22.72
S MES D . -23.81 15.93 -21.82
O1S MES D . -24.45 16.81 -22.85
O2S MES D . -22.92 16.63 -20.95
O3S MES D . -24.87 15.32 -20.97
#